data_9F7C
#
_entry.id   9F7C
#
_cell.length_a   58.616
_cell.length_b   58.616
_cell.length_c   111.588
_cell.angle_alpha   90
_cell.angle_beta   90
_cell.angle_gamma   90
#
_symmetry.space_group_name_H-M   'P 41 21 2'
#
loop_
_entity.id
_entity.type
_entity.pdbx_description
1 polymer Nucleoprotein
2 non-polymer 'ZINC ION'
3 water water
#
_entity_poly.entity_id   1
_entity_poly.type   'polypeptide(L)'
_entity_poly.pdbx_seq_one_letter_code
;GSRPQGLPNNTASWFTALTQHGKEDLKFPRGQGVPINTNSSPDDQIGYYRRATRRIRGGDGKMKDLIPRWYFYYLGTGPE
AGLPYGANKDGIIWVATEGALNTPKDHIGTRNPANNAAIVLQLPQGTTLPKGFYAE
;
_entity_poly.pdbx_strand_id   A
#
loop_
_chem_comp.id
_chem_comp.type
_chem_comp.name
_chem_comp.formula
ZN non-polymer 'ZINC ION' 'Zn 2'
#
# COMPACT_ATOMS: atom_id res chain seq x y z
N ARG A 3 28.49 12.81 -11.21
CA ARG A 3 27.97 11.90 -10.13
C ARG A 3 27.00 10.87 -10.70
N PRO A 4 27.50 9.73 -11.24
CA PRO A 4 26.65 8.63 -11.74
C PRO A 4 25.43 8.32 -10.90
N GLN A 5 24.32 8.02 -11.58
CA GLN A 5 23.05 7.71 -10.96
C GLN A 5 22.51 6.45 -11.62
N GLY A 6 22.08 5.50 -10.80
CA GLY A 6 21.48 4.26 -11.27
C GLY A 6 19.97 4.40 -11.38
N LEU A 7 19.29 3.34 -11.84
CA LEU A 7 17.85 3.36 -12.00
C LEU A 7 17.21 3.53 -10.64
N PRO A 8 16.09 4.30 -10.51
CA PRO A 8 15.46 4.48 -9.21
C PRO A 8 14.94 3.16 -8.63
N ASN A 9 14.85 3.11 -7.29
CA ASN A 9 14.32 1.96 -6.60
C ASN A 9 12.83 1.81 -6.95
N ASN A 10 12.38 0.55 -7.13
CA ASN A 10 11.03 0.17 -7.52
C ASN A 10 9.98 0.84 -6.63
N THR A 11 9.03 1.58 -7.23
CA THR A 11 8.01 2.26 -6.42
C THR A 11 6.65 1.57 -6.44
N ALA A 12 6.52 0.41 -7.12
CA ALA A 12 5.24 -0.26 -7.21
C ALA A 12 4.94 -1.16 -6.00
N SER A 13 3.68 -1.15 -5.62
CA SER A 13 3.17 -1.97 -4.56
C SER A 13 3.08 -3.40 -5.10
N TRP A 14 3.29 -4.41 -4.23
CA TRP A 14 3.14 -5.80 -4.65
C TRP A 14 1.71 -6.17 -5.00
N PHE A 15 0.74 -5.37 -4.49
CA PHE A 15 -0.69 -5.65 -4.58
C PHE A 15 -1.44 -4.61 -5.43
N THR A 16 -2.61 -5.02 -5.93
CA THR A 16 -3.49 -4.12 -6.66
C THR A 16 -4.08 -3.04 -5.73
N ALA A 17 -4.63 -1.98 -6.33
CA ALA A 17 -5.18 -0.83 -5.59
C ALA A 17 -6.41 -1.18 -4.76
N LEU A 18 -6.59 -0.43 -3.69
CA LEU A 18 -7.80 -0.42 -2.93
C LEU A 18 -8.40 0.93 -3.32
N THR A 19 -9.40 0.90 -4.20
CA THR A 19 -10.01 2.11 -4.76
C THR A 19 -11.14 2.62 -3.87
N GLN A 20 -11.14 3.92 -3.67
CA GLN A 20 -12.20 4.62 -2.97
C GLN A 20 -13.26 4.98 -4.00
N HIS A 21 -14.23 4.11 -4.25
CA HIS A 21 -15.34 4.41 -5.15
C HIS A 21 -16.52 5.11 -4.47
N GLY A 22 -16.49 5.23 -3.17
CA GLY A 22 -17.55 5.90 -2.43
C GLY A 22 -17.03 7.15 -1.76
N LYS A 23 -17.77 7.62 -0.77
CA LYS A 23 -17.41 8.85 -0.07
C LYS A 23 -16.81 8.60 1.31
N GLU A 24 -16.65 7.34 1.73
CA GLU A 24 -16.12 7.03 3.05
C GLU A 24 -14.62 7.19 3.09
N ASP A 25 -14.14 7.60 4.26
CA ASP A 25 -12.72 7.77 4.52
C ASP A 25 -12.13 6.39 4.89
N LEU A 26 -10.95 6.04 4.36
CA LEU A 26 -10.32 4.74 4.59
C LEU A 26 -9.82 4.56 6.02
N LYS A 27 -10.22 3.44 6.64
CA LYS A 27 -9.72 3.04 7.95
C LYS A 27 -9.99 1.56 8.19
N PHE A 28 -9.29 0.99 9.18
CA PHE A 28 -9.44 -0.41 9.55
C PHE A 28 -9.41 -0.53 11.07
N PRO A 29 -10.15 -1.50 11.66
CA PRO A 29 -9.98 -1.80 13.07
C PRO A 29 -8.57 -2.30 13.38
N ARG A 30 -8.11 -2.22 14.64
CA ARG A 30 -6.78 -2.70 15.01
C ARG A 30 -6.67 -4.21 14.83
N GLY A 31 -5.68 -4.63 14.03
CA GLY A 31 -5.47 -6.03 13.72
C GLY A 31 -5.91 -6.40 12.32
N GLN A 32 -6.58 -5.47 11.62
CA GLN A 32 -7.09 -5.68 10.28
C GLN A 32 -6.35 -4.80 9.25
N GLY A 33 -6.56 -5.09 7.97
CA GLY A 33 -6.01 -4.26 6.90
C GLY A 33 -4.89 -4.87 6.10
N VAL A 34 -4.06 -5.73 6.71
CA VAL A 34 -2.91 -6.31 6.01
C VAL A 34 -3.37 -7.27 4.93
N PRO A 35 -2.94 -7.10 3.66
CA PRO A 35 -3.37 -8.04 2.62
C PRO A 35 -2.77 -9.44 2.77
N ILE A 36 -3.44 -10.45 2.19
CA ILE A 36 -2.98 -11.82 2.26
C ILE A 36 -1.73 -12.02 1.40
N ASN A 37 -0.68 -12.58 2.01
CA ASN A 37 0.54 -12.95 1.32
C ASN A 37 0.96 -14.27 1.95
N THR A 38 0.73 -15.37 1.24
CA THR A 38 1.04 -16.71 1.73
C THR A 38 2.56 -16.98 1.81
N ASN A 39 3.38 -16.17 1.13
CA ASN A 39 4.82 -16.30 1.17
C ASN A 39 5.42 -15.18 2.04
N SER A 40 4.84 -14.99 3.21
CA SER A 40 5.29 -14.02 4.22
C SER A 40 4.98 -14.62 5.59
N SER A 41 5.82 -14.32 6.57
CA SER A 41 5.74 -14.84 7.92
C SER A 41 4.81 -14.00 8.81
N PRO A 42 4.40 -14.46 10.04
CA PRO A 42 3.63 -13.60 10.93
C PRO A 42 4.34 -12.30 11.28
N ASP A 43 5.68 -12.34 11.38
CA ASP A 43 6.51 -11.16 11.65
C ASP A 43 6.31 -10.06 10.62
N ASP A 44 6.05 -10.42 9.36
CA ASP A 44 5.96 -9.47 8.27
C ASP A 44 4.63 -8.75 8.13
N GLN A 45 3.61 -9.13 8.89
CA GLN A 45 2.26 -8.60 8.67
C GLN A 45 2.04 -7.17 9.21
N ILE A 46 2.72 -6.19 8.62
CA ILE A 46 2.63 -4.81 9.08
C ILE A 46 3.05 -3.87 7.94
N GLY A 47 2.35 -2.75 7.83
CA GLY A 47 2.67 -1.76 6.81
C GLY A 47 1.69 -0.60 6.75
N TYR A 48 1.59 -0.02 5.55
CA TYR A 48 0.74 1.15 5.36
C TYR A 48 0.08 1.15 4.01
N TYR A 49 -1.08 1.81 3.94
CA TYR A 49 -1.75 2.10 2.70
C TYR A 49 -1.40 3.55 2.39
N ARG A 50 -0.99 3.80 1.15
CA ARG A 50 -0.63 5.14 0.73
C ARG A 50 -1.53 5.53 -0.45
N ARG A 51 -2.15 6.70 -0.37
CA ARG A 51 -2.98 7.19 -1.45
C ARG A 51 -2.06 7.66 -2.58
N ALA A 52 -2.27 7.13 -3.79
CA ALA A 52 -1.47 7.43 -4.97
C ALA A 52 -1.53 8.91 -5.28
N THR A 53 -0.37 9.48 -5.56
CA THR A 53 -0.18 10.90 -5.84
C THR A 53 0.13 11.10 -7.32
N ARG A 54 -0.14 12.32 -7.81
CA ARG A 54 0.02 12.68 -9.22
C ARG A 54 1.34 13.45 -9.45
N ARG A 55 2.16 12.97 -10.41
CA ARG A 55 3.39 13.65 -10.83
C ARG A 55 3.23 14.19 -12.25
N ILE A 56 3.34 13.34 -13.30
CA ILE A 56 3.45 13.81 -14.69
C ILE A 56 2.60 12.99 -15.69
N ARG A 57 1.30 12.72 -15.37
CA ARG A 57 0.37 12.00 -16.25
C ARG A 57 -0.85 12.89 -16.58
N GLY A 58 -0.71 13.72 -17.63
CA GLY A 58 -1.79 14.64 -18.03
C GLY A 58 -1.35 15.63 -19.12
N GLY A 59 -1.55 15.23 -20.39
CA GLY A 59 -1.41 16.09 -21.56
C GLY A 59 -2.64 16.98 -21.74
N ASP A 60 -3.73 16.43 -22.33
CA ASP A 60 -5.02 17.12 -22.48
C ASP A 60 -5.78 17.28 -21.15
N GLY A 61 -5.55 16.37 -20.18
CA GLY A 61 -6.31 16.30 -18.96
C GLY A 61 -5.87 17.32 -17.90
N LYS A 62 -4.55 17.35 -17.57
CA LYS A 62 -4.02 17.90 -16.33
C LYS A 62 -4.82 17.42 -15.10
N MET A 63 -5.36 16.21 -15.27
CA MET A 63 -6.29 15.46 -14.45
C MET A 63 -5.71 14.06 -14.67
N LYS A 64 -6.11 13.07 -13.89
CA LYS A 64 -5.72 11.70 -14.19
C LYS A 64 -6.96 10.84 -13.96
N ASP A 65 -7.08 10.32 -12.74
CA ASP A 65 -8.31 9.74 -12.29
C ASP A 65 -8.51 10.49 -10.99
N LEU A 66 -9.43 11.46 -10.96
CA LEU A 66 -9.83 12.14 -9.71
C LEU A 66 -9.99 11.10 -8.55
N ILE A 67 -10.32 9.83 -8.87
CA ILE A 67 -10.60 8.70 -8.01
C ILE A 67 -9.43 8.31 -7.11
N PRO A 68 -9.61 8.34 -5.78
CA PRO A 68 -8.55 7.96 -4.86
C PRO A 68 -8.26 6.47 -4.91
N ARG A 69 -6.97 6.11 -5.00
CA ARG A 69 -6.48 4.74 -5.04
C ARG A 69 -5.41 4.59 -3.98
N TRP A 70 -5.52 3.57 -3.12
CA TRP A 70 -4.66 3.33 -1.99
C TRP A 70 -3.86 2.06 -2.22
N TYR A 71 -2.54 2.09 -1.99
CA TYR A 71 -1.70 0.92 -2.25
C TYR A 71 -1.00 0.52 -0.97
N PHE A 72 -0.93 -0.77 -0.72
CA PHE A 72 -0.27 -1.30 0.46
C PHE A 72 1.25 -1.48 0.22
N TYR A 73 2.03 -1.05 1.19
CA TYR A 73 3.46 -1.22 1.26
C TYR A 73 3.81 -1.75 2.64
N TYR A 74 4.71 -2.74 2.73
CA TYR A 74 5.17 -3.24 4.00
C TYR A 74 5.99 -2.15 4.67
N LEU A 75 6.02 -2.17 6.00
CA LEU A 75 6.82 -1.25 6.81
C LEU A 75 8.28 -1.25 6.37
N GLY A 76 8.86 -0.06 6.22
CA GLY A 76 10.23 0.11 5.79
C GLY A 76 10.44 -0.02 4.29
N THR A 77 9.36 -0.11 3.48
CA THR A 77 9.42 -0.22 2.02
C THR A 77 8.55 0.90 1.39
N GLY A 78 8.76 1.14 0.09
CA GLY A 78 7.95 2.04 -0.70
C GLY A 78 8.27 3.50 -0.52
N PRO A 79 7.35 4.38 -0.99
CA PRO A 79 7.59 5.81 -0.92
C PRO A 79 7.80 6.40 0.48
N GLU A 80 7.22 5.77 1.49
CA GLU A 80 7.35 6.22 2.87
C GLU A 80 8.14 5.20 3.72
N ALA A 81 9.18 4.59 3.11
CA ALA A 81 10.08 3.61 3.74
C ALA A 81 10.74 4.12 5.01
N GLY A 82 11.01 5.42 5.07
CA GLY A 82 11.66 6.02 6.23
C GLY A 82 10.70 6.39 7.34
N LEU A 83 9.38 6.22 7.13
CA LEU A 83 8.38 6.56 8.14
C LEU A 83 8.27 5.45 9.18
N PRO A 84 8.38 5.79 10.47
CA PRO A 84 8.13 4.79 11.51
C PRO A 84 6.65 4.43 11.64
N TYR A 85 6.30 3.23 12.11
CA TYR A 85 4.91 2.82 12.28
C TYR A 85 4.12 3.82 13.14
N GLY A 86 2.96 4.26 12.63
CA GLY A 86 2.10 5.18 13.35
C GLY A 86 2.30 6.66 13.03
N ALA A 87 3.34 6.98 12.24
CA ALA A 87 3.61 8.37 11.89
C ALA A 87 2.45 8.97 11.11
N ASN A 88 2.01 10.15 11.55
CA ASN A 88 0.86 10.88 11.06
C ASN A 88 1.17 11.65 9.79
N LYS A 89 0.51 11.25 8.69
CA LYS A 89 0.63 11.95 7.41
C LYS A 89 -0.66 11.73 6.62
N ASP A 90 -1.17 12.81 5.97
CA ASP A 90 -2.33 12.83 5.08
C ASP A 90 -2.00 11.87 3.93
N GLY A 91 -2.83 10.85 3.71
CA GLY A 91 -2.60 9.89 2.66
C GLY A 91 -1.85 8.62 3.10
N ILE A 92 -1.57 8.48 4.40
CA ILE A 92 -0.93 7.30 4.96
C ILE A 92 -1.84 6.67 6.02
N ILE A 93 -2.19 5.38 5.86
CA ILE A 93 -3.02 4.66 6.84
C ILE A 93 -2.21 3.43 7.30
N TRP A 94 -1.87 3.34 8.59
CA TRP A 94 -1.09 2.24 9.14
C TRP A 94 -1.93 1.03 9.53
N VAL A 95 -1.46 -0.19 9.19
CA VAL A 95 -2.15 -1.45 9.49
C VAL A 95 -1.14 -2.52 9.99
N ALA A 96 -1.60 -3.42 10.89
CA ALA A 96 -0.74 -4.47 11.45
C ALA A 96 -1.56 -5.62 11.98
N THR A 97 -1.14 -6.85 11.68
CA THR A 97 -1.79 -8.04 12.20
C THR A 97 -1.18 -8.35 13.57
N GLU A 98 -1.89 -9.12 14.39
CA GLU A 98 -1.37 -9.58 15.67
C GLU A 98 -0.06 -10.36 15.48
N GLY A 99 0.94 -10.07 16.31
CA GLY A 99 2.20 -10.79 16.25
C GLY A 99 3.21 -10.28 15.23
N ALA A 100 2.93 -9.12 14.60
CA ALA A 100 3.85 -8.56 13.64
C ALA A 100 5.05 -7.93 14.35
N LEU A 101 6.21 -7.94 13.68
CA LEU A 101 7.42 -7.33 14.24
C LEU A 101 7.64 -5.93 13.64
N ASN A 102 7.92 -4.94 14.49
CA ASN A 102 8.17 -3.57 14.10
C ASN A 102 9.60 -3.40 13.56
N THR A 103 9.87 -3.94 12.37
CA THR A 103 11.17 -3.89 11.70
C THR A 103 10.93 -3.67 10.21
N PRO A 104 11.86 -3.05 9.45
CA PRO A 104 11.67 -2.92 8.01
C PRO A 104 11.61 -4.27 7.29
N LYS A 105 10.74 -4.38 6.30
CA LYS A 105 10.56 -5.62 5.53
C LYS A 105 11.25 -5.47 4.19
N ASP A 106 12.51 -5.01 4.23
CA ASP A 106 13.40 -4.87 3.09
C ASP A 106 13.51 -6.20 2.32
N HIS A 107 13.40 -7.35 3.02
CA HIS A 107 13.51 -8.65 2.36
C HIS A 107 12.35 -8.93 1.44
N ILE A 108 11.19 -8.27 1.64
CA ILE A 108 10.05 -8.35 0.73
C ILE A 108 10.17 -7.23 -0.29
N GLY A 109 10.44 -6.01 0.19
CA GLY A 109 10.67 -4.85 -0.67
C GLY A 109 9.45 -4.47 -1.51
N THR A 110 9.71 -3.83 -2.63
CA THR A 110 8.70 -3.37 -3.56
C THR A 110 8.77 -4.11 -4.89
N ARG A 111 7.73 -3.95 -5.71
CA ARG A 111 7.59 -4.65 -6.98
C ARG A 111 8.19 -3.86 -8.14
N ASN A 112 8.83 -4.57 -9.08
CA ASN A 112 9.26 -3.95 -10.32
C ASN A 112 8.22 -4.39 -11.34
N PRO A 113 7.43 -3.44 -11.90
CA PRO A 113 6.42 -3.80 -12.87
C PRO A 113 6.90 -4.52 -14.14
N ALA A 114 8.14 -4.26 -14.59
CA ALA A 114 8.69 -4.91 -15.77
C ALA A 114 9.01 -6.41 -15.55
N ASN A 115 9.02 -6.89 -14.29
CA ASN A 115 9.33 -8.28 -13.99
C ASN A 115 8.13 -9.01 -13.44
N ASN A 116 7.40 -8.38 -12.51
CA ASN A 116 6.27 -9.06 -11.87
C ASN A 116 4.98 -8.26 -11.94
N ALA A 117 3.88 -8.99 -12.13
CA ALA A 117 2.56 -8.40 -12.10
C ALA A 117 2.12 -8.23 -10.64
N ALA A 118 1.18 -7.32 -10.40
CA ALA A 118 0.67 -7.10 -9.05
C ALA A 118 -0.20 -8.31 -8.68
N ILE A 119 -0.19 -8.67 -7.39
CA ILE A 119 -1.09 -9.70 -6.94
C ILE A 119 -2.34 -9.03 -6.44
N VAL A 120 -3.49 -9.64 -6.71
CA VAL A 120 -4.77 -9.09 -6.31
C VAL A 120 -4.85 -8.92 -4.79
N LEU A 121 -5.19 -7.69 -4.36
CA LEU A 121 -5.28 -7.39 -2.94
C LEU A 121 -6.48 -8.14 -2.35
N GLN A 122 -6.21 -9.04 -1.39
CA GLN A 122 -7.25 -9.81 -0.73
C GLN A 122 -7.12 -9.62 0.77
N LEU A 123 -8.25 -9.45 1.46
CA LEU A 123 -8.28 -9.30 2.90
C LEU A 123 -8.92 -10.54 3.50
N PRO A 124 -8.46 -11.01 4.69
CA PRO A 124 -9.07 -12.16 5.32
C PRO A 124 -10.60 -12.09 5.44
N GLN A 125 -11.22 -13.26 5.46
CA GLN A 125 -12.66 -13.38 5.60
C GLN A 125 -13.21 -12.60 6.80
N GLY A 126 -14.24 -11.75 6.56
CA GLY A 126 -14.91 -10.98 7.60
C GLY A 126 -14.23 -9.69 8.03
N THR A 127 -13.23 -9.23 7.26
CA THR A 127 -12.56 -7.97 7.55
C THR A 127 -13.54 -6.81 7.38
N THR A 128 -13.56 -5.88 8.35
CA THR A 128 -14.38 -4.68 8.25
C THR A 128 -13.71 -3.68 7.29
N LEU A 129 -14.19 -3.63 6.05
CA LEU A 129 -13.74 -2.71 5.02
C LEU A 129 -14.79 -1.61 4.89
N PRO A 130 -14.45 -0.30 4.86
CA PRO A 130 -15.48 0.72 4.70
C PRO A 130 -16.27 0.56 3.40
N LYS A 131 -17.54 1.01 3.41
CA LYS A 131 -18.37 0.93 2.21
C LYS A 131 -17.74 1.78 1.09
N GLY A 132 -17.84 1.26 -0.13
CA GLY A 132 -17.32 1.97 -1.28
C GLY A 132 -15.87 1.67 -1.60
N PHE A 133 -15.17 0.86 -0.78
CA PHE A 133 -13.80 0.48 -1.08
C PHE A 133 -13.77 -0.88 -1.74
N TYR A 134 -13.03 -0.99 -2.84
CA TYR A 134 -12.93 -2.24 -3.59
C TYR A 134 -11.51 -2.43 -4.09
N ALA A 135 -11.03 -3.66 -3.99
CA ALA A 135 -9.75 -4.03 -4.54
C ALA A 135 -9.84 -4.13 -6.03
N GLU A 136 -8.76 -3.75 -6.74
CA GLU A 136 -8.76 -3.84 -8.19
C GLU A 136 -7.99 -5.11 -8.64
ZN ZN B . -12.74 0.16 -9.32
ZN ZN C . 9.52 -12.63 5.33
#